data_5H0E
#
_entry.id   5H0E
#
_cell.length_a   43.056
_cell.length_b   85.351
_cell.length_c   129.090
_cell.angle_alpha   90.000
_cell.angle_beta   90.000
_cell.angle_gamma   90.000
#
_symmetry.space_group_name_H-M   'P 21 21 21'
#
loop_
_entity.id
_entity.type
_entity.pdbx_description
1 polymer 'Tyrosine-protein kinase HCK'
2 non-polymer (2~{S})-2-[[4-[4-azanyl-5-(4-phenoxyphenyl)pyrrolo[2,3-d]pyrimidin-7-yl]cyclohexyl]amino]-4-methyl-pentanamide
3 water water
#
_entity_poly.entity_id   1
_entity_poly.type   'polypeptide(L)'
_entity_poly.pdbx_seq_one_letter_code
;GAMGSGIRIIVVALYDYEAIHHEDLSFQKGDQMVVLEESGEWWKARSLATRKEGYIPSNYVARVDSLETEEWFFKGISRK
DAERQLLAPGNMLGSFMIRDSETTKGSYSLSVRDYDPRQGDTVKHYKIRTLDNGGFYISPRSTFSTLQELVDHYKKGNDG
LCQKLSVPCMSSKPQKPWEKDAWEIPRESLKLEKKLGAGQFGEVWMATYNKHTKVAVKTMKPGSMSVEAFLAEANVMKTL
QHDKLVKLHAVVTKEPIYIITEFMAKGSLLDFLKSDEGSKQPLPKLIDFSAQIAEGMAFIEQRNYIHRDLRAANILVSAS
LVCKIADFGLARVIEDNEYTAREGAKFPIKWTAPEAINFGSFTIKSDVWSFGILLMEIVTYGRIPYPGMSNPEVIRALER
GYRMPRPENCPEELYNIMMRCWKNRPEERPTFEYIQSVLDDFYTATESQ(PTR)EEIP
;
_entity_poly.pdbx_strand_id   A
#
# COMPACT_ATOMS: atom_id res chain seq x y z
N ARG A 8 29.02 -5.05 -19.12
CA ARG A 8 29.28 -3.67 -18.68
C ARG A 8 27.96 -2.88 -18.63
N ILE A 9 27.31 -2.89 -17.46
CA ILE A 9 26.06 -2.13 -17.27
C ILE A 9 26.28 -0.94 -16.33
N ILE A 10 26.15 0.27 -16.86
CA ILE A 10 26.48 1.48 -16.10
C ILE A 10 25.27 2.00 -15.31
N VAL A 11 25.53 2.44 -14.08
CA VAL A 11 24.48 2.84 -13.14
C VAL A 11 24.89 4.04 -12.27
N VAL A 12 23.99 5.01 -12.14
CA VAL A 12 24.26 6.23 -11.34
C VAL A 12 23.47 6.26 -10.03
N ALA A 13 24.11 6.75 -8.97
CA ALA A 13 23.47 6.87 -7.66
C ALA A 13 22.47 8.02 -7.61
N LEU A 14 21.66 8.07 -6.56
CA LEU A 14 20.58 9.06 -6.45
C LEU A 14 20.47 9.70 -5.07
N TYR A 15 20.54 8.88 -4.02
CA TYR A 15 20.34 9.37 -2.66
C TYR A 15 21.58 9.27 -1.78
N ASP A 16 21.46 9.79 -0.56
CA ASP A 16 22.54 9.79 0.44
C ASP A 16 22.42 8.63 1.41
N TYR A 17 23.29 7.64 1.28
CA TYR A 17 23.23 6.47 2.15
C TYR A 17 24.62 5.94 2.53
N GLU A 18 24.86 5.81 3.84
CA GLU A 18 26.06 5.17 4.35
C GLU A 18 25.80 3.69 4.65
N ALA A 19 26.85 2.90 4.67
CA ALA A 19 26.74 1.46 4.90
C ALA A 19 26.12 1.12 6.25
N ILE A 20 24.91 0.55 6.22
CA ILE A 20 24.26 0.04 7.43
C ILE A 20 24.96 -1.24 7.89
N HIS A 21 25.43 -2.01 6.92
CA HIS A 21 26.19 -3.22 7.20
C HIS A 21 27.69 -2.92 7.13
N HIS A 22 28.50 -3.96 7.02
CA HIS A 22 29.95 -3.80 7.06
C HIS A 22 30.57 -4.05 5.68
N GLU A 23 29.73 -4.40 4.71
CA GLU A 23 30.19 -4.73 3.37
C GLU A 23 29.78 -3.69 2.33
N ASP A 24 29.11 -2.62 2.75
CA ASP A 24 28.50 -1.68 1.81
C ASP A 24 29.31 -0.39 1.64
N LEU A 25 29.08 0.30 0.53
CA LEU A 25 29.87 1.47 0.15
C LEU A 25 29.24 2.79 0.62
N SER A 26 29.60 3.88 -0.03
CA SER A 26 29.09 5.20 0.33
C SER A 26 28.33 5.83 -0.85
N PHE A 27 27.42 6.74 -0.52
CA PHE A 27 26.64 7.44 -1.52
C PHE A 27 26.69 8.94 -1.30
N GLN A 28 27.27 9.65 -2.26
CA GLN A 28 27.37 11.10 -2.16
C GLN A 28 26.29 11.79 -2.98
N LYS A 29 25.09 11.18 -2.99
CA LYS A 29 23.93 11.69 -3.73
C LYS A 29 24.23 11.88 -5.22
N GLY A 30 25.34 11.29 -5.67
CA GLY A 30 25.81 11.47 -7.02
C GLY A 30 27.10 10.69 -7.13
N ASP A 31 27.14 9.78 -8.09
CA ASP A 31 28.30 8.92 -8.30
C ASP A 31 28.11 8.18 -9.62
N GLN A 32 29.00 7.23 -9.90
CA GLN A 32 28.87 6.37 -11.07
C GLN A 32 29.29 4.95 -10.73
N MET A 33 28.44 3.98 -11.06
CA MET A 33 28.69 2.60 -10.68
C MET A 33 28.40 1.62 -11.82
N VAL A 34 28.97 0.42 -11.73
CA VAL A 34 28.75 -0.63 -12.73
C VAL A 34 28.35 -1.94 -12.05
N VAL A 35 27.12 -2.37 -12.29
CA VAL A 35 26.55 -3.52 -11.57
C VAL A 35 27.21 -4.83 -11.99
N LEU A 36 27.24 -5.77 -11.05
CA LEU A 36 27.71 -7.13 -11.30
C LEU A 36 26.53 -8.11 -11.23
N GLU A 37 26.30 -8.65 -10.04
CA GLU A 37 25.17 -9.55 -9.79
C GLU A 37 23.94 -8.73 -9.42
N GLU A 38 22.77 -9.25 -9.74
CA GLU A 38 21.55 -8.48 -9.61
C GLU A 38 20.46 -9.25 -8.84
N SER A 39 20.88 -10.04 -7.85
CA SER A 39 19.93 -10.85 -7.08
C SER A 39 19.31 -10.05 -5.93
N GLY A 40 18.03 -10.30 -5.66
CA GLY A 40 17.32 -9.60 -4.61
C GLY A 40 17.19 -8.11 -4.87
N GLU A 41 17.27 -7.31 -3.80
CA GLU A 41 17.22 -5.87 -3.92
C GLU A 41 18.58 -5.24 -3.64
N TRP A 42 19.56 -6.06 -3.29
CA TRP A 42 20.93 -5.61 -3.10
C TRP A 42 21.79 -6.04 -4.28
N TRP A 43 22.48 -5.08 -4.88
CA TRP A 43 23.30 -5.37 -6.05
C TRP A 43 24.76 -5.11 -5.75
N LYS A 44 25.64 -5.89 -6.39
CA LYS A 44 27.07 -5.65 -6.30
C LYS A 44 27.49 -4.81 -7.51
N ALA A 45 28.15 -3.69 -7.26
CA ALA A 45 28.40 -2.74 -8.33
C ALA A 45 29.81 -2.16 -8.29
N ARG A 46 30.38 -2.01 -9.49
CA ARG A 46 31.69 -1.39 -9.65
C ARG A 46 31.58 0.12 -9.72
N SER A 47 32.05 0.75 -8.66
CA SER A 47 31.86 2.19 -8.45
C SER A 47 33.08 3.07 -8.88
N LEU A 48 32.96 4.38 -8.74
CA LEU A 48 33.99 5.29 -9.28
C LEU A 48 34.67 6.09 -8.16
N ALA A 49 34.53 5.61 -6.92
CA ALA A 49 35.39 6.12 -5.86
C ALA A 49 35.96 5.05 -4.95
N THR A 50 37.04 4.40 -5.40
CA THR A 50 37.55 4.59 -6.75
C THR A 50 37.61 3.25 -7.46
N ARG A 51 38.37 2.32 -6.90
CA ARG A 51 38.52 0.98 -7.48
C ARG A 51 38.37 -0.09 -6.42
N LYS A 52 37.43 0.15 -5.49
CA LYS A 52 37.04 -0.85 -4.50
C LYS A 52 35.53 -0.77 -4.32
N GLU A 53 34.89 -1.93 -4.12
CA GLU A 53 33.42 -2.00 -4.22
C GLU A 53 32.74 -2.78 -3.10
N GLY A 54 31.58 -3.35 -3.43
CA GLY A 54 30.76 -4.12 -2.51
C GLY A 54 29.32 -4.20 -2.98
N TYR A 55 28.38 -4.23 -2.03
CA TYR A 55 26.95 -4.30 -2.36
C TYR A 55 26.24 -2.96 -2.13
N ILE A 56 25.20 -2.71 -2.93
CA ILE A 56 24.43 -1.46 -2.81
C ILE A 56 22.92 -1.70 -2.88
N PRO A 57 22.13 -0.79 -2.27
CA PRO A 57 20.68 -0.86 -2.42
C PRO A 57 20.25 -0.44 -3.82
N SER A 58 19.51 -1.32 -4.50
CA SER A 58 19.11 -1.08 -5.89
C SER A 58 18.19 0.11 -6.05
N ASN A 59 17.33 0.34 -5.05
CA ASN A 59 16.33 1.41 -5.15
C ASN A 59 16.92 2.80 -4.97
N TYR A 60 18.21 2.88 -4.64
CA TYR A 60 18.87 4.18 -4.50
C TYR A 60 19.66 4.55 -5.74
N VAL A 61 19.67 3.68 -6.74
CA VAL A 61 20.45 3.92 -7.94
C VAL A 61 19.60 3.78 -9.21
N ALA A 62 20.17 4.16 -10.35
CA ALA A 62 19.47 4.08 -11.64
C ALA A 62 20.45 4.07 -12.83
N ARG A 63 20.03 3.50 -13.96
CA ARG A 63 20.88 3.51 -15.15
C ARG A 63 21.00 4.94 -15.67
N VAL A 64 22.17 5.27 -16.22
CA VAL A 64 22.48 6.64 -16.62
C VAL A 64 21.77 7.05 -17.92
N ASP A 65 21.31 6.05 -18.67
CA ASP A 65 20.66 6.30 -19.95
C ASP A 65 19.21 6.76 -19.75
N SER A 66 18.52 6.14 -18.79
CA SER A 66 17.10 6.37 -18.57
C SER A 66 16.79 7.63 -17.76
N LEU A 67 15.51 7.98 -17.73
CA LEU A 67 15.02 9.19 -17.07
C LEU A 67 14.90 9.01 -15.56
N GLU A 68 15.31 7.85 -15.07
CA GLU A 68 15.20 7.54 -13.66
C GLU A 68 16.10 8.44 -12.83
N THR A 69 16.96 9.18 -13.52
CA THR A 69 17.87 10.10 -12.84
C THR A 69 17.19 11.45 -12.62
N GLU A 70 16.18 11.75 -13.42
CA GLU A 70 15.52 13.05 -13.39
C GLU A 70 14.61 13.21 -12.19
N GLU A 71 14.61 14.41 -11.61
CA GLU A 71 13.87 14.68 -10.38
C GLU A 71 12.36 14.62 -10.58
N TRP A 72 11.90 14.81 -11.82
CA TRP A 72 10.47 14.85 -12.10
C TRP A 72 9.94 13.53 -12.63
N PHE A 73 10.80 12.53 -12.72
CA PHE A 73 10.34 11.24 -13.24
C PHE A 73 10.09 10.23 -12.11
N PHE A 74 8.97 9.54 -12.19
CA PHE A 74 8.58 8.61 -11.14
C PHE A 74 8.40 7.19 -11.69
N LYS A 75 9.46 6.40 -11.62
CA LYS A 75 9.37 5.05 -12.14
C LYS A 75 8.56 4.17 -11.22
N GLY A 76 7.75 3.30 -11.81
CA GLY A 76 7.07 2.26 -11.08
C GLY A 76 5.66 2.60 -10.70
N ILE A 77 5.39 3.88 -10.46
CA ILE A 77 4.13 4.20 -9.84
C ILE A 77 2.96 4.21 -10.83
N SER A 78 1.76 4.02 -10.30
CA SER A 78 0.54 4.00 -11.09
C SER A 78 -0.08 5.40 -11.23
N ARG A 79 -1.11 5.49 -12.08
CA ARG A 79 -1.94 6.66 -12.19
C ARG A 79 -2.53 7.02 -10.84
N LYS A 80 -3.12 6.03 -10.17
CA LYS A 80 -3.80 6.27 -8.91
C LYS A 80 -2.79 6.74 -7.88
N ASP A 81 -1.61 6.14 -7.85
CA ASP A 81 -0.60 6.57 -6.90
C ASP A 81 0.02 7.91 -7.28
N ALA A 82 0.04 8.26 -8.56
CA ALA A 82 0.53 9.56 -8.98
C ALA A 82 -0.39 10.62 -8.38
N GLU A 83 -1.70 10.38 -8.46
CA GLU A 83 -2.67 11.33 -7.93
C GLU A 83 -2.51 11.55 -6.44
N ARG A 84 -2.37 10.45 -5.69
CA ARG A 84 -2.17 10.52 -4.24
C ARG A 84 -0.91 11.25 -3.86
N GLN A 85 0.19 10.91 -4.52
CA GLN A 85 1.47 11.55 -4.24
C GLN A 85 1.36 13.06 -4.41
N LEU A 86 0.75 13.47 -5.52
CA LEU A 86 0.62 14.89 -5.88
C LEU A 86 -0.34 15.63 -4.95
N LEU A 87 -1.43 14.99 -4.57
CA LEU A 87 -2.44 15.62 -3.71
C LEU A 87 -1.99 15.63 -2.25
N ALA A 88 -0.81 15.07 -1.98
CA ALA A 88 -0.25 15.06 -0.64
C ALA A 88 0.14 16.47 -0.22
N PRO A 89 0.03 16.76 1.09
CA PRO A 89 0.46 18.05 1.64
C PRO A 89 1.93 18.33 1.31
N GLY A 90 2.25 19.57 1.00
CA GLY A 90 3.61 19.91 0.61
C GLY A 90 3.77 20.09 -0.89
N ASN A 91 2.71 19.89 -1.65
CA ASN A 91 2.78 20.15 -3.09
C ASN A 91 1.97 21.38 -3.43
N MET A 92 2.23 21.96 -4.58
CA MET A 92 1.58 23.21 -4.93
C MET A 92 0.92 23.13 -6.30
N LEU A 93 0.18 24.17 -6.65
CA LEU A 93 -0.44 24.31 -7.94
C LEU A 93 0.61 24.09 -9.03
N GLY A 94 0.26 23.29 -10.03
CA GLY A 94 1.20 22.95 -11.08
C GLY A 94 2.31 22.00 -10.64
N SER A 95 2.20 21.41 -9.45
CA SER A 95 3.13 20.33 -9.09
C SER A 95 2.94 19.22 -10.09
N PHE A 96 4.01 18.52 -10.44
CA PHE A 96 3.89 17.58 -11.54
C PHE A 96 4.85 16.39 -11.47
N MET A 97 4.57 15.39 -12.30
CA MET A 97 5.51 14.31 -12.49
C MET A 97 5.36 13.73 -13.89
N ILE A 98 6.43 13.12 -14.39
CA ILE A 98 6.33 12.27 -15.58
C ILE A 98 6.43 10.82 -15.10
N ARG A 99 5.59 9.96 -15.66
CA ARG A 99 5.62 8.55 -15.29
C ARG A 99 5.37 7.68 -16.52
N ASP A 100 5.66 6.39 -16.42
CA ASP A 100 5.34 5.46 -17.51
C ASP A 100 3.85 5.41 -17.71
N SER A 101 3.40 5.37 -18.95
CA SER A 101 1.97 5.29 -19.24
C SER A 101 1.39 3.95 -18.81
N GLU A 102 0.13 3.94 -18.38
CA GLU A 102 -0.56 2.70 -18.06
C GLU A 102 -1.25 2.11 -19.28
N THR A 103 -1.90 2.98 -20.05
CA THR A 103 -2.73 2.52 -21.16
C THR A 103 -1.99 2.53 -22.48
N THR A 104 -0.71 2.87 -22.46
CA THR A 104 0.09 2.92 -23.69
C THR A 104 1.53 2.50 -23.41
N LYS A 105 1.85 1.23 -23.67
CA LYS A 105 3.20 0.70 -23.45
C LYS A 105 4.26 1.56 -24.12
N GLY A 106 5.36 1.83 -23.40
CA GLY A 106 6.48 2.56 -23.98
C GLY A 106 6.36 4.08 -24.02
N SER A 107 5.14 4.60 -23.94
CA SER A 107 4.90 6.05 -23.93
C SER A 107 4.87 6.60 -22.50
N TYR A 108 4.61 7.89 -22.35
CA TYR A 108 4.63 8.49 -21.03
C TYR A 108 3.37 9.29 -20.70
N SER A 109 3.22 9.67 -19.44
CA SER A 109 2.07 10.46 -18.99
C SER A 109 2.55 11.61 -18.12
N LEU A 110 1.94 12.77 -18.32
CA LEU A 110 2.18 13.93 -17.47
C LEU A 110 1.00 14.13 -16.52
N SER A 111 1.31 14.20 -15.23
CA SER A 111 0.30 14.40 -14.20
C SER A 111 0.56 15.73 -13.51
N VAL A 112 -0.45 16.59 -13.47
CA VAL A 112 -0.27 17.95 -12.98
C VAL A 112 -1.29 18.30 -11.90
N ARG A 113 -0.81 18.83 -10.78
CA ARG A 113 -1.74 19.25 -9.75
C ARG A 113 -2.47 20.54 -10.12
N ASP A 114 -3.79 20.47 -10.12
CA ASP A 114 -4.67 21.55 -10.57
C ASP A 114 -5.55 22.03 -9.40
N TYR A 115 -6.25 23.15 -9.59
CA TYR A 115 -7.26 23.59 -8.63
C TYR A 115 -8.36 24.39 -9.30
N ASP A 116 -9.60 24.06 -9.01
CA ASP A 116 -10.71 24.92 -9.39
C ASP A 116 -11.68 25.01 -8.21
N PRO A 117 -12.38 26.15 -8.06
CA PRO A 117 -13.32 26.27 -6.95
C PRO A 117 -14.46 25.26 -6.99
N ARG A 118 -14.73 24.71 -8.17
CA ARG A 118 -15.87 23.80 -8.37
C ARG A 118 -15.55 22.35 -8.02
N GLN A 119 -14.29 21.95 -8.20
CA GLN A 119 -13.88 20.57 -7.91
C GLN A 119 -12.76 20.49 -6.87
N GLY A 120 -12.26 21.64 -6.41
CA GLY A 120 -11.19 21.65 -5.43
C GLY A 120 -9.85 21.20 -5.99
N ASP A 121 -9.05 20.56 -5.15
CA ASP A 121 -7.77 20.00 -5.59
C ASP A 121 -7.98 18.79 -6.48
N THR A 122 -7.41 18.84 -7.68
CA THR A 122 -7.47 17.69 -8.58
C THR A 122 -6.12 17.43 -9.24
N VAL A 123 -6.01 16.29 -9.91
CA VAL A 123 -4.83 16.00 -10.71
C VAL A 123 -5.29 15.73 -12.14
N LYS A 124 -4.75 16.49 -13.10
CA LYS A 124 -5.04 16.28 -14.52
C LYS A 124 -3.91 15.48 -15.17
N HIS A 125 -4.27 14.58 -16.09
CA HIS A 125 -3.30 13.70 -16.76
C HIS A 125 -3.23 13.95 -18.27
N TYR A 126 -2.01 14.01 -18.79
CA TYR A 126 -1.84 14.22 -20.24
C TYR A 126 -1.02 13.09 -20.88
N LYS A 127 -1.46 12.64 -22.05
CA LYS A 127 -0.68 11.68 -22.84
C LYS A 127 0.55 12.34 -23.48
N ILE A 128 1.73 11.86 -23.14
CA ILE A 128 2.93 12.30 -23.86
C ILE A 128 3.24 11.30 -24.96
N ARG A 129 2.87 11.64 -26.19
CA ARG A 129 3.09 10.73 -27.31
C ARG A 129 4.54 10.80 -27.81
N THR A 130 5.07 9.66 -28.22
CA THR A 130 6.44 9.61 -28.74
C THR A 130 6.44 9.69 -30.26
N LEU A 131 7.34 10.48 -30.82
CA LEU A 131 7.45 10.58 -32.26
C LEU A 131 8.26 9.41 -32.83
N ASP A 132 7.94 9.03 -34.06
CA ASP A 132 8.51 7.84 -34.67
C ASP A 132 10.02 7.93 -34.87
N ASN A 133 10.51 9.12 -35.21
CA ASN A 133 11.95 9.25 -35.42
C ASN A 133 12.65 10.00 -34.29
N GLY A 134 12.05 9.94 -33.11
CA GLY A 134 12.64 10.57 -31.94
C GLY A 134 11.87 11.80 -31.49
N GLY A 135 11.82 12.00 -30.17
CA GLY A 135 11.13 13.15 -29.62
C GLY A 135 9.74 12.84 -29.09
N PHE A 136 9.14 13.85 -28.46
CA PHE A 136 7.87 13.73 -27.73
C PHE A 136 6.97 14.96 -27.97
N TYR A 137 5.66 14.78 -27.85
CA TYR A 137 4.73 15.92 -27.83
C TYR A 137 3.47 15.60 -27.04
N ILE A 138 2.79 16.63 -26.57
CA ILE A 138 1.46 16.48 -25.99
C ILE A 138 0.44 17.00 -27.01
N SER A 139 0.75 18.16 -27.57
CA SER A 139 0.00 18.72 -28.68
C SER A 139 0.93 18.74 -29.88
N PRO A 140 0.42 18.38 -31.07
CA PRO A 140 1.25 18.27 -32.28
C PRO A 140 2.02 19.55 -32.63
N ARG A 141 1.44 20.71 -32.37
CA ARG A 141 2.10 21.97 -32.68
C ARG A 141 3.29 22.28 -31.77
N SER A 142 3.51 21.47 -30.73
CA SER A 142 4.64 21.70 -29.83
C SER A 142 5.37 20.40 -29.51
N THR A 143 6.38 20.09 -30.31
CA THR A 143 7.13 18.83 -30.17
C THR A 143 8.50 19.11 -29.54
N PHE A 144 9.09 18.10 -28.91
CA PHE A 144 10.35 18.28 -28.21
C PHE A 144 11.30 17.11 -28.45
N SER A 145 12.61 17.38 -28.46
CA SER A 145 13.60 16.32 -28.61
C SER A 145 13.63 15.41 -27.39
N THR A 146 13.55 16.02 -26.20
CA THR A 146 13.66 15.29 -24.94
C THR A 146 12.53 15.66 -23.96
N LEU A 147 12.31 14.82 -22.96
CA LEU A 147 11.28 15.08 -21.98
C LEU A 147 11.73 16.26 -21.11
N GLN A 148 13.03 16.43 -20.96
CA GLN A 148 13.57 17.59 -20.27
C GLN A 148 13.18 18.90 -20.99
N GLU A 149 13.11 18.86 -22.32
CA GLU A 149 12.73 20.05 -23.08
C GLU A 149 11.24 20.31 -22.93
N LEU A 150 10.45 19.24 -22.98
CA LEU A 150 9.01 19.33 -22.73
C LEU A 150 8.74 20.00 -21.37
N VAL A 151 9.41 19.51 -20.33
CA VAL A 151 9.27 20.08 -18.99
C VAL A 151 9.65 21.57 -18.90
N ASP A 152 10.81 21.92 -19.45
CA ASP A 152 11.25 23.32 -19.44
C ASP A 152 10.27 24.19 -20.21
N HIS A 153 9.70 23.64 -21.28
CA HIS A 153 8.68 24.36 -22.03
C HIS A 153 7.47 24.68 -21.17
N TYR A 154 6.82 23.66 -20.60
CA TYR A 154 5.59 23.93 -19.85
C TYR A 154 5.87 24.56 -18.49
N LYS A 155 7.14 24.68 -18.09
CA LYS A 155 7.46 25.45 -16.88
C LYS A 155 7.39 26.95 -17.14
N LYS A 156 7.55 27.35 -18.40
CA LYS A 156 7.57 28.77 -18.75
C LYS A 156 6.18 29.30 -19.09
N GLY A 157 5.25 28.39 -19.35
CA GLY A 157 3.87 28.77 -19.62
C GLY A 157 3.02 27.53 -19.79
N ASN A 158 1.73 27.62 -19.48
CA ASN A 158 0.87 26.45 -19.54
C ASN A 158 0.68 25.96 -20.97
N ASP A 159 0.62 26.90 -21.92
CA ASP A 159 0.47 26.59 -23.35
C ASP A 159 -0.61 25.53 -23.60
N GLY A 160 -1.77 25.68 -22.96
CA GLY A 160 -2.85 24.74 -23.16
C GLY A 160 -3.09 23.75 -22.03
N LEU A 161 -2.09 23.56 -21.17
CA LEU A 161 -2.28 22.73 -19.98
C LEU A 161 -3.16 23.46 -18.97
N CYS A 162 -3.65 22.73 -17.98
CA CYS A 162 -4.47 23.29 -16.91
C CYS A 162 -3.68 24.30 -16.10
N GLN A 163 -2.41 24.02 -15.90
CA GLN A 163 -1.54 24.91 -15.17
C GLN A 163 -0.17 24.99 -15.83
N LYS A 164 0.58 26.00 -15.46
CA LYS A 164 1.99 26.05 -15.78
C LYS A 164 2.67 25.10 -14.80
N LEU A 165 3.63 24.32 -15.28
CA LEU A 165 4.38 23.45 -14.38
C LEU A 165 5.20 24.29 -13.40
N SER A 166 5.16 23.93 -12.11
CA SER A 166 5.97 24.64 -11.13
C SER A 166 7.14 23.79 -10.67
N VAL A 167 6.91 22.91 -9.70
CA VAL A 167 7.99 22.05 -9.18
C VAL A 167 7.61 20.57 -9.22
N PRO A 168 8.63 19.70 -9.27
CA PRO A 168 8.35 18.26 -9.28
C PRO A 168 7.64 17.80 -8.01
N CYS A 169 6.82 16.77 -8.15
CA CYS A 169 6.14 16.17 -7.01
C CYS A 169 7.16 15.90 -5.92
N MET A 170 6.82 16.20 -4.68
CA MET A 170 7.74 15.88 -3.60
C MET A 170 7.90 14.36 -3.49
N SER A 171 9.05 13.94 -2.96
CA SER A 171 9.28 12.53 -2.74
C SER A 171 10.24 12.32 -1.58
N SER A 172 9.92 11.33 -0.75
CA SER A 172 10.78 10.96 0.37
C SER A 172 11.70 9.83 -0.07
N LYS A 173 12.91 9.84 0.49
CA LYS A 173 13.90 8.80 0.29
C LYS A 173 13.33 7.45 0.70
N PRO A 174 13.33 6.48 -0.22
CA PRO A 174 12.66 5.18 -0.02
C PRO A 174 13.26 4.37 1.12
N GLN A 175 12.51 3.36 1.58
CA GLN A 175 13.01 2.46 2.61
C GLN A 175 14.21 1.67 2.09
N LYS A 176 15.26 1.61 2.90
CA LYS A 176 16.37 0.70 2.62
C LYS A 176 15.83 -0.72 2.55
N PRO A 177 16.26 -1.50 1.55
CA PRO A 177 15.82 -2.89 1.43
C PRO A 177 16.33 -3.71 2.60
N TRP A 178 15.62 -4.77 2.94
CA TRP A 178 15.99 -5.62 4.07
C TRP A 178 17.31 -6.37 3.80
N GLU A 179 18.11 -6.53 4.85
CA GLU A 179 19.42 -7.22 4.79
C GLU A 179 19.41 -8.52 3.96
N LYS A 180 20.50 -8.78 3.25
CA LYS A 180 20.68 -10.03 2.50
C LYS A 180 20.50 -11.29 3.34
N ASP A 181 19.68 -12.22 2.85
CA ASP A 181 19.48 -13.52 3.48
C ASP A 181 19.25 -13.43 4.98
N ALA A 182 18.37 -12.53 5.39
CA ALA A 182 18.03 -12.40 6.78
C ALA A 182 16.54 -12.69 6.96
N TRP A 183 16.12 -13.86 6.50
CA TRP A 183 14.73 -14.25 6.60
C TRP A 183 14.41 -14.77 8.01
N GLU A 184 15.09 -15.84 8.43
CA GLU A 184 14.96 -16.31 9.79
C GLU A 184 16.11 -15.78 10.64
N ILE A 185 15.79 -14.90 11.59
CA ILE A 185 16.80 -14.17 12.33
C ILE A 185 16.83 -14.60 13.79
N PRO A 186 17.97 -14.42 14.47
CA PRO A 186 18.03 -14.75 15.91
C PRO A 186 17.27 -13.75 16.77
N ARG A 187 16.70 -14.22 17.87
CA ARG A 187 15.88 -13.38 18.73
C ARG A 187 16.74 -12.24 19.28
N GLU A 188 18.01 -12.52 19.52
CA GLU A 188 18.95 -11.54 20.05
C GLU A 188 19.17 -10.34 19.13
N SER A 189 18.87 -10.48 17.84
CA SER A 189 19.05 -9.38 16.90
C SER A 189 17.97 -8.29 17.05
N LEU A 190 17.06 -8.49 17.99
CA LEU A 190 15.95 -7.56 18.17
C LEU A 190 15.96 -7.01 19.58
N LYS A 191 15.80 -5.70 19.70
CA LYS A 191 15.57 -5.10 21.00
C LYS A 191 14.17 -4.53 21.02
N LEU A 192 13.32 -5.10 21.88
CA LEU A 192 11.95 -4.62 22.03
C LEU A 192 11.95 -3.42 22.95
N GLU A 193 11.51 -2.29 22.42
CA GLU A 193 11.61 -1.03 23.14
C GLU A 193 10.28 -0.53 23.73
N LYS A 194 9.21 -0.62 22.96
CA LYS A 194 7.92 -0.13 23.42
C LYS A 194 6.75 -1.05 23.03
N LYS A 195 6.01 -1.55 24.02
CA LYS A 195 4.83 -2.36 23.76
C LYS A 195 3.75 -1.52 23.14
N LEU A 196 3.32 -1.85 21.94
CA LEU A 196 2.31 -1.01 21.27
C LEU A 196 0.91 -1.47 21.62
N GLY A 197 0.78 -2.75 21.94
CA GLY A 197 -0.52 -3.30 22.18
C GLY A 197 -0.46 -4.76 22.57
N ALA A 198 -1.49 -5.20 23.28
CA ALA A 198 -1.62 -6.54 23.77
C ALA A 198 -2.91 -7.11 23.27
N GLY A 199 -2.88 -8.32 22.71
CA GLY A 199 -4.05 -8.93 22.11
C GLY A 199 -4.29 -10.35 22.60
N GLN A 200 -5.31 -10.99 22.04
CA GLN A 200 -5.69 -12.34 22.45
C GLN A 200 -4.53 -13.34 22.32
N PHE A 201 -3.81 -13.32 21.19
CA PHE A 201 -2.86 -14.37 20.90
C PHE A 201 -1.43 -13.91 20.82
N GLY A 202 -1.23 -12.62 21.07
CA GLY A 202 0.10 -12.08 21.12
C GLY A 202 0.12 -10.58 21.38
N GLU A 203 1.31 -10.02 21.40
CA GLU A 203 1.49 -8.60 21.58
C GLU A 203 2.16 -8.02 20.35
N VAL A 204 2.19 -6.69 20.25
CA VAL A 204 2.96 -6.05 19.20
C VAL A 204 3.89 -4.98 19.81
N TRP A 205 5.15 -5.00 19.38
CA TRP A 205 6.18 -4.13 19.91
C TRP A 205 6.80 -3.27 18.83
N MET A 206 7.15 -2.05 19.20
CA MET A 206 8.12 -1.28 18.44
C MET A 206 9.50 -1.74 18.90
N ALA A 207 10.42 -1.91 17.95
CA ALA A 207 11.70 -2.55 18.24
C ALA A 207 12.81 -2.13 17.27
N THR A 208 14.06 -2.35 17.67
CA THR A 208 15.21 -2.07 16.81
C THR A 208 15.91 -3.36 16.40
N TYR A 209 16.20 -3.50 15.12
CA TYR A 209 16.89 -4.66 14.57
C TYR A 209 18.35 -4.37 14.32
N ASN A 210 19.22 -5.10 15.02
CA ASN A 210 20.67 -4.93 14.91
C ASN A 210 21.10 -3.48 15.10
N LYS A 211 20.51 -2.84 16.11
CA LYS A 211 20.91 -1.50 16.53
C LYS A 211 20.88 -0.44 15.42
N HIS A 212 20.07 -0.63 14.39
CA HIS A 212 20.10 0.30 13.26
C HIS A 212 18.81 0.48 12.46
N THR A 213 17.79 -0.34 12.71
CA THR A 213 16.58 -0.25 11.90
C THR A 213 15.33 -0.36 12.77
N LYS A 214 14.39 0.56 12.56
CA LYS A 214 13.14 0.56 13.30
C LYS A 214 12.16 -0.42 12.65
N VAL A 215 11.63 -1.34 13.45
CA VAL A 215 10.64 -2.30 12.98
C VAL A 215 9.50 -2.46 13.98
N ALA A 216 8.44 -3.12 13.54
CA ALA A 216 7.48 -3.68 14.48
C ALA A 216 7.69 -5.18 14.56
N VAL A 217 7.40 -5.71 15.73
CA VAL A 217 7.49 -7.14 15.99
C VAL A 217 6.21 -7.61 16.65
N LYS A 218 5.51 -8.53 15.99
CA LYS A 218 4.38 -9.21 16.62
C LYS A 218 4.92 -10.45 17.32
N THR A 219 4.68 -10.55 18.61
CA THR A 219 5.18 -11.65 19.44
C THR A 219 4.03 -12.57 19.79
N MET A 220 4.00 -13.77 19.22
CA MET A 220 2.89 -14.69 19.42
C MET A 220 3.01 -15.45 20.73
N LYS A 221 1.88 -15.62 21.42
CA LYS A 221 1.86 -16.36 22.67
C LYS A 221 2.27 -17.80 22.44
N PRO A 222 3.07 -18.35 23.37
CA PRO A 222 3.41 -19.77 23.34
C PRO A 222 2.13 -20.60 23.31
N GLY A 223 2.12 -21.65 22.49
CA GLY A 223 0.91 -22.44 22.34
C GLY A 223 0.02 -22.01 21.18
N SER A 224 0.23 -20.81 20.66
CA SER A 224 -0.69 -20.30 19.66
C SER A 224 -0.37 -20.76 18.24
N MET A 225 0.90 -21.03 17.95
CA MET A 225 1.28 -21.46 16.59
C MET A 225 2.34 -22.55 16.59
N SER A 226 2.33 -23.38 15.56
CA SER A 226 3.40 -24.34 15.29
C SER A 226 4.46 -23.70 14.41
N VAL A 227 5.73 -23.94 14.75
CA VAL A 227 6.83 -23.38 13.97
C VAL A 227 6.80 -23.81 12.50
N GLU A 228 6.63 -25.12 12.23
CA GLU A 228 6.64 -25.59 10.84
C GLU A 228 5.42 -25.14 10.03
N ALA A 229 4.25 -25.19 10.65
CA ALA A 229 3.04 -24.78 9.94
C ALA A 229 3.11 -23.27 9.67
N PHE A 230 3.56 -22.52 10.67
CA PHE A 230 3.72 -21.08 10.48
C PHE A 230 4.76 -20.71 9.41
N LEU A 231 5.91 -21.36 9.45
CA LEU A 231 6.98 -21.07 8.49
C LEU A 231 6.56 -21.39 7.06
N ALA A 232 5.87 -22.51 6.86
CA ALA A 232 5.32 -22.81 5.54
C ALA A 232 4.39 -21.69 5.08
N GLU A 233 3.53 -21.20 5.97
CA GLU A 233 2.60 -20.14 5.61
C GLU A 233 3.35 -18.81 5.43
N ALA A 234 4.26 -18.48 6.34
CA ALA A 234 5.03 -17.24 6.24
C ALA A 234 5.83 -17.15 4.94
N ASN A 235 6.29 -18.29 4.46
CA ASN A 235 7.04 -18.33 3.21
C ASN A 235 6.14 -17.98 2.02
N VAL A 236 4.83 -18.15 2.16
CA VAL A 236 3.91 -17.62 1.15
C VAL A 236 3.60 -16.12 1.42
N MET A 237 3.39 -15.76 2.69
CA MET A 237 3.10 -14.37 3.06
C MET A 237 4.15 -13.40 2.54
N LYS A 238 5.43 -13.75 2.69
CA LYS A 238 6.51 -12.82 2.33
C LYS A 238 6.49 -12.50 0.84
N THR A 239 5.96 -13.40 0.03
CA THR A 239 5.93 -13.15 -1.41
C THR A 239 4.77 -12.24 -1.81
N LEU A 240 3.87 -11.95 -0.87
CA LEU A 240 2.73 -11.09 -1.17
C LEU A 240 3.15 -9.62 -1.06
N GLN A 241 3.94 -9.19 -2.04
CA GLN A 241 4.51 -7.83 -2.00
C GLN A 241 3.68 -6.85 -2.80
N HIS A 242 3.21 -5.81 -2.13
CA HIS A 242 2.34 -4.82 -2.75
C HIS A 242 2.35 -3.58 -1.85
N ASP A 243 2.21 -2.40 -2.45
CA ASP A 243 2.25 -1.14 -1.71
C ASP A 243 1.17 -1.08 -0.60
N LYS A 244 0.07 -1.81 -0.79
CA LYS A 244 -1.04 -1.72 0.16
C LYS A 244 -1.14 -2.94 1.07
N LEU A 245 -0.07 -3.72 1.10
CA LEU A 245 0.08 -4.78 2.09
C LEU A 245 1.26 -4.45 2.96
N VAL A 246 1.15 -4.68 4.26
CA VAL A 246 2.30 -4.47 5.11
C VAL A 246 3.38 -5.49 4.76
N LYS A 247 4.63 -5.05 4.82
CA LYS A 247 5.77 -5.85 4.36
C LYS A 247 6.30 -6.73 5.49
N LEU A 248 6.39 -8.04 5.26
CA LEU A 248 7.07 -8.95 6.20
C LEU A 248 8.54 -8.98 5.90
N HIS A 249 9.34 -8.64 6.90
CA HIS A 249 10.78 -8.60 6.72
C HIS A 249 11.37 -9.94 7.09
N ALA A 250 10.97 -10.47 8.24
CA ALA A 250 11.65 -11.62 8.81
C ALA A 250 10.84 -12.27 9.94
N VAL A 251 11.31 -13.43 10.37
CA VAL A 251 10.65 -14.20 11.41
C VAL A 251 11.65 -14.76 12.40
N VAL A 252 11.24 -14.95 13.66
CA VAL A 252 12.00 -15.81 14.55
C VAL A 252 11.24 -17.11 14.70
N THR A 253 11.89 -18.19 14.28
CA THR A 253 11.22 -19.48 14.10
C THR A 253 11.41 -20.38 15.30
N LYS A 254 11.16 -19.81 16.46
CA LYS A 254 11.32 -20.48 17.74
C LYS A 254 10.28 -19.92 18.67
N GLU A 255 9.49 -20.79 19.28
CA GLU A 255 8.46 -20.34 20.21
C GLU A 255 9.09 -19.60 21.39
N PRO A 256 8.55 -18.40 21.73
CA PRO A 256 7.45 -17.70 21.08
C PRO A 256 7.86 -17.10 19.74
N ILE A 257 7.10 -17.42 18.71
CA ILE A 257 7.40 -16.95 17.38
C ILE A 257 7.26 -15.43 17.26
N TYR A 258 8.26 -14.78 16.68
CA TYR A 258 8.18 -13.35 16.41
C TYR A 258 7.98 -13.12 14.93
N ILE A 259 7.11 -12.19 14.59
CA ILE A 259 6.96 -11.75 13.20
C ILE A 259 7.43 -10.31 13.04
N ILE A 260 8.37 -10.10 12.13
CA ILE A 260 8.96 -8.77 11.97
C ILE A 260 8.51 -8.08 10.70
N THR A 261 7.93 -6.88 10.86
CA THR A 261 7.41 -6.14 9.73
C THR A 261 7.83 -4.68 9.76
N GLU A 262 7.54 -3.94 8.69
CA GLU A 262 7.73 -2.49 8.74
C GLU A 262 6.85 -1.93 9.84
N PHE A 263 7.31 -0.83 10.44
CA PHE A 263 6.59 -0.15 11.50
C PHE A 263 5.62 0.89 10.90
N MET A 264 4.40 0.95 11.41
CA MET A 264 3.41 1.87 10.86
C MET A 264 3.01 2.88 11.92
N ALA A 265 3.48 4.11 11.72
CA ALA A 265 3.45 5.14 12.77
C ALA A 265 2.07 5.46 13.33
N LYS A 266 1.02 5.31 12.52
CA LYS A 266 -0.31 5.69 12.97
C LYS A 266 -1.19 4.51 13.43
N GLY A 267 -0.58 3.35 13.63
CA GLY A 267 -1.30 2.22 14.22
C GLY A 267 -2.40 1.68 13.30
N SER A 268 -3.44 1.08 13.88
CA SER A 268 -4.48 0.50 13.03
C SER A 268 -5.41 1.59 12.52
N LEU A 269 -6.06 1.32 11.39
CA LEU A 269 -7.04 2.25 10.85
C LEU A 269 -8.17 2.49 11.86
N LEU A 270 -8.52 1.46 12.62
CA LEU A 270 -9.55 1.60 13.66
C LEU A 270 -9.12 2.63 14.71
N ASP A 271 -7.91 2.48 15.26
CA ASP A 271 -7.35 3.47 16.18
C ASP A 271 -7.33 4.85 15.54
N PHE A 272 -6.93 4.90 14.27
CA PHE A 272 -6.77 6.18 13.58
C PHE A 272 -8.13 6.90 13.45
N LEU A 273 -9.13 6.18 12.97
CA LEU A 273 -10.45 6.78 12.75
C LEU A 273 -11.03 7.29 14.06
N LYS A 274 -10.59 6.69 15.16
CA LYS A 274 -11.03 7.09 16.48
C LYS A 274 -10.12 8.12 17.15
N SER A 275 -9.13 8.62 16.43
CA SER A 275 -8.22 9.60 17.03
C SER A 275 -8.68 11.00 16.69
N ASP A 276 -8.10 11.98 17.38
CA ASP A 276 -8.40 13.37 17.08
C ASP A 276 -8.14 13.66 15.61
N GLU A 277 -7.01 13.18 15.11
CA GLU A 277 -6.63 13.51 13.75
C GLU A 277 -7.49 12.76 12.73
N GLY A 278 -7.66 11.46 12.93
CA GLY A 278 -8.38 10.64 11.97
C GLY A 278 -9.88 10.87 11.96
N SER A 279 -10.44 11.26 13.10
CA SER A 279 -11.87 11.51 13.16
C SER A 279 -12.27 12.75 12.33
N LYS A 280 -11.26 13.51 11.92
CA LYS A 280 -11.50 14.72 11.14
C LYS A 280 -11.23 14.55 9.65
N GLN A 281 -10.89 13.34 9.20
CA GLN A 281 -10.68 13.13 7.77
C GLN A 281 -11.99 13.36 7.03
N PRO A 282 -11.95 14.06 5.89
CA PRO A 282 -13.20 14.26 5.15
C PRO A 282 -13.60 13.03 4.35
N LEU A 283 -14.87 12.95 4.01
CA LEU A 283 -15.42 11.83 3.25
C LEU A 283 -14.61 11.39 2.01
N PRO A 284 -14.09 12.34 1.19
CA PRO A 284 -13.29 11.87 0.05
C PRO A 284 -11.99 11.17 0.46
N LYS A 285 -11.45 11.54 1.61
CA LYS A 285 -10.30 10.84 2.16
C LYS A 285 -10.70 9.44 2.69
N LEU A 286 -11.87 9.34 3.30
CA LEU A 286 -12.38 8.03 3.75
C LEU A 286 -12.55 7.10 2.55
N ILE A 287 -13.07 7.64 1.46
CA ILE A 287 -13.24 6.83 0.26
C ILE A 287 -11.87 6.45 -0.29
N ASP A 288 -10.89 7.33 -0.14
CA ASP A 288 -9.56 6.96 -0.64
C ASP A 288 -8.94 5.84 0.20
N PHE A 289 -9.20 5.83 1.52
CA PHE A 289 -8.72 4.70 2.32
C PHE A 289 -9.35 3.41 1.81
N SER A 290 -10.65 3.45 1.56
CA SER A 290 -11.38 2.28 1.06
C SER A 290 -10.79 1.78 -0.22
N ALA A 291 -10.44 2.71 -1.11
CA ALA A 291 -9.87 2.34 -2.41
C ALA A 291 -8.51 1.70 -2.22
N GLN A 292 -7.73 2.23 -1.27
CA GLN A 292 -6.42 1.66 -1.01
C GLN A 292 -6.51 0.22 -0.51
N ILE A 293 -7.47 -0.03 0.38
CA ILE A 293 -7.68 -1.38 0.88
C ILE A 293 -8.23 -2.28 -0.24
N ALA A 294 -9.10 -1.77 -1.09
CA ALA A 294 -9.62 -2.57 -2.17
C ALA A 294 -8.51 -2.99 -3.14
N GLU A 295 -7.56 -2.10 -3.36
CA GLU A 295 -6.41 -2.37 -4.23
C GLU A 295 -5.58 -3.48 -3.61
N GLY A 296 -5.34 -3.37 -2.31
CA GLY A 296 -4.62 -4.41 -1.61
C GLY A 296 -5.33 -5.75 -1.74
N MET A 297 -6.65 -5.74 -1.60
CA MET A 297 -7.41 -6.99 -1.61
C MET A 297 -7.50 -7.58 -3.03
N ALA A 298 -7.55 -6.73 -4.05
CA ALA A 298 -7.58 -7.21 -5.43
C ALA A 298 -6.28 -7.93 -5.78
N PHE A 299 -5.18 -7.43 -5.23
CA PHE A 299 -3.89 -8.11 -5.35
C PHE A 299 -3.93 -9.46 -4.65
N ILE A 300 -4.46 -9.48 -3.42
CA ILE A 300 -4.61 -10.73 -2.68
C ILE A 300 -5.50 -11.68 -3.49
N GLU A 301 -6.60 -11.15 -4.03
CA GLU A 301 -7.48 -11.94 -4.89
C GLU A 301 -6.77 -12.46 -6.17
N GLN A 302 -5.99 -11.61 -6.82
CA GLN A 302 -5.28 -12.04 -8.04
C GLN A 302 -4.23 -13.10 -7.71
N ARG A 303 -3.77 -13.14 -6.47
CA ARG A 303 -2.76 -14.09 -6.05
C ARG A 303 -3.37 -15.34 -5.44
N ASN A 304 -4.69 -15.49 -5.59
CA ASN A 304 -5.43 -16.63 -5.04
C ASN A 304 -5.10 -16.90 -3.57
N TYR A 305 -5.03 -15.84 -2.79
CA TYR A 305 -4.78 -15.94 -1.36
C TYR A 305 -6.06 -15.51 -0.64
N ILE A 306 -6.14 -15.82 0.65
CA ILE A 306 -7.31 -15.47 1.46
C ILE A 306 -6.87 -14.73 2.73
N HIS A 307 -7.51 -13.60 3.05
CA HIS A 307 -7.09 -12.85 4.22
C HIS A 307 -7.55 -13.54 5.50
N ARG A 308 -8.86 -13.82 5.56
CA ARG A 308 -9.55 -14.56 6.63
C ARG A 308 -9.97 -13.73 7.84
N ASP A 309 -9.54 -12.47 7.94
CA ASP A 309 -9.88 -11.67 9.12
C ASP A 309 -9.76 -10.19 8.77
N LEU A 310 -10.41 -9.82 7.69
CA LEU A 310 -10.34 -8.47 7.18
C LEU A 310 -11.26 -7.57 8.01
N ARG A 311 -10.69 -6.53 8.63
CA ARG A 311 -11.46 -5.56 9.41
C ARG A 311 -10.57 -4.37 9.72
N ALA A 312 -11.17 -3.28 10.19
CA ALA A 312 -10.42 -2.04 10.32
C ALA A 312 -9.25 -2.21 11.31
N ALA A 313 -9.45 -3.07 12.31
CA ALA A 313 -8.39 -3.34 13.27
C ALA A 313 -7.14 -3.95 12.62
N ASN A 314 -7.31 -4.61 11.46
CA ASN A 314 -6.19 -5.27 10.79
C ASN A 314 -5.70 -4.49 9.58
N ILE A 315 -6.12 -3.24 9.49
CA ILE A 315 -5.55 -2.29 8.54
C ILE A 315 -4.62 -1.35 9.32
N LEU A 316 -3.41 -1.17 8.84
CA LEU A 316 -2.46 -0.25 9.46
C LEU A 316 -2.32 1.02 8.63
N VAL A 317 -1.88 2.09 9.27
CA VAL A 317 -1.80 3.42 8.64
C VAL A 317 -0.40 4.04 8.80
N SER A 318 0.23 4.41 7.68
CA SER A 318 1.57 4.98 7.72
C SER A 318 1.54 6.44 8.19
N ALA A 319 2.71 6.99 8.52
CA ALA A 319 2.84 8.43 8.80
C ALA A 319 2.19 9.27 7.69
N SER A 320 2.31 8.85 6.44
CA SER A 320 1.72 9.63 5.35
C SER A 320 0.35 9.11 4.90
N LEU A 321 -0.36 8.44 5.81
CA LEU A 321 -1.73 7.99 5.56
C LEU A 321 -1.88 7.00 4.40
N VAL A 322 -0.90 6.11 4.27
CA VAL A 322 -1.09 4.97 3.39
C VAL A 322 -1.68 3.83 4.20
N CYS A 323 -2.77 3.27 3.70
CA CYS A 323 -3.37 2.09 4.32
C CYS A 323 -2.69 0.83 3.85
N LYS A 324 -2.29 0.00 4.79
CA LYS A 324 -1.67 -1.29 4.48
C LYS A 324 -2.35 -2.42 5.24
N ILE A 325 -2.78 -3.43 4.50
CA ILE A 325 -3.42 -4.62 5.02
C ILE A 325 -2.43 -5.46 5.81
N ALA A 326 -2.80 -5.83 7.04
CA ALA A 326 -1.95 -6.65 7.88
C ALA A 326 -2.68 -7.94 8.27
N ASP A 327 -1.91 -8.86 8.86
CA ASP A 327 -2.44 -10.16 9.33
C ASP A 327 -3.08 -10.99 8.23
N PHE A 328 -2.68 -10.77 6.97
CA PHE A 328 -3.27 -11.54 5.89
C PHE A 328 -2.83 -12.99 6.05
N GLY A 329 -3.82 -13.87 6.18
CA GLY A 329 -3.57 -15.30 6.23
C GLY A 329 -3.21 -15.80 7.61
N LEU A 330 -2.97 -14.89 8.55
CA LEU A 330 -2.48 -15.28 9.87
C LEU A 330 -3.46 -16.17 10.65
N ALA A 331 -4.76 -15.92 10.51
CA ALA A 331 -5.75 -16.66 11.28
C ALA A 331 -5.64 -18.14 10.96
N ARG A 332 -5.22 -18.47 9.75
CA ARG A 332 -5.10 -19.86 9.32
C ARG A 332 -4.11 -20.65 10.18
N VAL A 333 -3.04 -20.02 10.65
CA VAL A 333 -2.01 -20.76 11.38
C VAL A 333 -2.03 -20.50 12.88
N ILE A 334 -3.10 -19.86 13.37
CA ILE A 334 -3.34 -19.78 14.81
C ILE A 334 -4.04 -21.08 15.22
N GLU A 335 -3.42 -21.90 16.06
CA GLU A 335 -3.96 -23.21 16.42
C GLU A 335 -5.14 -23.14 17.37
N ASP A 336 -6.05 -24.11 17.24
CA ASP A 336 -7.13 -24.29 18.21
C ASP A 336 -6.78 -25.41 19.19
N ASN A 337 -6.44 -25.01 20.42
CA ASN A 337 -6.06 -25.97 21.44
C ASN A 337 -6.42 -25.41 22.81
N GLU A 338 -6.02 -26.10 23.87
CA GLU A 338 -6.34 -25.66 25.23
C GLU A 338 -5.76 -24.28 25.53
N TYR A 339 -4.60 -23.97 24.97
CA TYR A 339 -4.00 -22.66 25.22
C TYR A 339 -4.80 -21.52 24.61
N THR A 340 -5.04 -21.57 23.30
CA THR A 340 -5.69 -20.46 22.61
C THR A 340 -7.15 -20.35 23.01
N ALA A 341 -7.72 -21.47 23.44
CA ALA A 341 -9.14 -21.53 23.81
C ALA A 341 -9.50 -20.61 24.98
N ARG A 342 -8.61 -20.50 25.97
CA ARG A 342 -8.93 -19.65 27.12
C ARG A 342 -8.86 -18.14 26.80
N GLU A 343 -8.68 -17.80 25.52
CA GLU A 343 -8.61 -16.40 25.10
C GLU A 343 -9.88 -15.87 24.43
N GLY A 344 -10.95 -16.66 24.41
CA GLY A 344 -12.21 -16.20 23.81
C GLY A 344 -12.29 -16.38 22.30
N ALA A 345 -13.19 -15.63 21.67
CA ALA A 345 -13.52 -15.82 20.24
C ALA A 345 -12.32 -15.70 19.29
N LYS A 346 -12.17 -16.69 18.40
CA LYS A 346 -11.08 -16.69 17.42
C LYS A 346 -11.35 -15.70 16.30
N PHE A 347 -12.59 -15.63 15.86
CA PHE A 347 -12.98 -14.68 14.82
C PHE A 347 -14.26 -13.94 15.22
N PRO A 348 -14.42 -12.71 14.72
CA PRO A 348 -15.59 -11.92 15.12
C PRO A 348 -16.84 -12.17 14.25
N ILE A 349 -17.89 -12.65 14.89
CA ILE A 349 -19.15 -12.95 14.22
C ILE A 349 -19.66 -11.80 13.34
N LYS A 350 -19.57 -10.55 13.82
CA LYS A 350 -20.19 -9.44 13.10
C LYS A 350 -19.47 -9.08 11.79
N TRP A 351 -18.22 -9.54 11.64
CA TRP A 351 -17.43 -9.30 10.45
C TRP A 351 -17.42 -10.46 9.47
N THR A 352 -17.91 -11.61 9.91
CA THR A 352 -17.68 -12.86 9.21
C THR A 352 -18.86 -13.26 8.32
N ALA A 353 -18.58 -13.71 7.11
CA ALA A 353 -19.62 -14.16 6.19
C ALA A 353 -20.41 -15.33 6.76
N PRO A 354 -21.72 -15.43 6.44
CA PRO A 354 -22.53 -16.51 7.01
C PRO A 354 -22.02 -17.91 6.69
N GLU A 355 -21.50 -18.16 5.48
CA GLU A 355 -20.98 -19.47 5.13
C GLU A 355 -19.68 -19.80 5.86
N ALA A 356 -18.88 -18.78 6.18
CA ALA A 356 -17.68 -19.02 6.99
C ALA A 356 -18.10 -19.38 8.42
N ILE A 357 -19.12 -18.70 8.95
CA ILE A 357 -19.59 -19.01 10.30
C ILE A 357 -20.19 -20.41 10.33
N ASN A 358 -21.08 -20.69 9.38
CA ASN A 358 -21.90 -21.89 9.46
C ASN A 358 -21.14 -23.14 9.06
N PHE A 359 -20.21 -23.01 8.12
CA PHE A 359 -19.54 -24.19 7.55
C PHE A 359 -18.00 -24.12 7.59
N GLY A 360 -17.44 -23.00 8.01
CA GLY A 360 -15.98 -22.87 7.99
C GLY A 360 -15.47 -22.70 6.57
N SER A 361 -16.32 -22.18 5.68
CA SER A 361 -15.93 -21.89 4.29
C SER A 361 -15.33 -20.50 4.12
N PHE A 362 -14.02 -20.41 4.28
CA PHE A 362 -13.32 -19.14 4.13
C PHE A 362 -12.80 -19.03 2.71
N THR A 363 -13.24 -18.02 1.98
CA THR A 363 -12.75 -17.83 0.62
C THR A 363 -12.53 -16.35 0.39
N ILE A 364 -12.06 -16.00 -0.81
CA ILE A 364 -11.93 -14.60 -1.18
C ILE A 364 -13.30 -13.95 -1.11
N LYS A 365 -14.35 -14.75 -1.32
CA LYS A 365 -15.70 -14.21 -1.25
C LYS A 365 -16.18 -13.91 0.19
N SER A 366 -15.66 -14.63 1.18
CA SER A 366 -16.01 -14.26 2.56
C SER A 366 -15.19 -13.04 2.98
N ASP A 367 -14.02 -12.86 2.37
CA ASP A 367 -13.26 -11.61 2.50
C ASP A 367 -14.06 -10.43 1.92
N VAL A 368 -14.75 -10.67 0.80
CA VAL A 368 -15.55 -9.61 0.19
C VAL A 368 -16.68 -9.18 1.14
N TRP A 369 -17.29 -10.17 1.80
CA TRP A 369 -18.28 -9.86 2.82
C TRP A 369 -17.66 -8.99 3.91
N SER A 370 -16.51 -9.40 4.46
CA SER A 370 -15.84 -8.62 5.48
C SER A 370 -15.50 -7.20 5.05
N PHE A 371 -15.07 -7.06 3.79
CA PHE A 371 -14.77 -5.76 3.24
C PHE A 371 -15.96 -4.79 3.29
N GLY A 372 -17.16 -5.30 3.02
CA GLY A 372 -18.34 -4.46 3.12
C GLY A 372 -18.53 -3.95 4.54
N ILE A 373 -18.23 -4.80 5.53
CA ILE A 373 -18.33 -4.41 6.94
C ILE A 373 -17.30 -3.34 7.28
N LEU A 374 -16.09 -3.56 6.79
CA LEU A 374 -14.98 -2.63 6.92
C LEU A 374 -15.38 -1.27 6.33
N LEU A 375 -16.06 -1.29 5.19
CA LEU A 375 -16.53 -0.06 4.54
C LEU A 375 -17.41 0.75 5.50
N MET A 376 -18.31 0.05 6.16
CA MET A 376 -19.19 0.66 7.13
C MET A 376 -18.41 1.16 8.34
N GLU A 377 -17.42 0.40 8.81
CA GLU A 377 -16.56 0.88 9.89
C GLU A 377 -15.91 2.22 9.50
N ILE A 378 -15.44 2.31 8.25
CA ILE A 378 -14.73 3.50 7.83
C ILE A 378 -15.66 4.73 7.78
N VAL A 379 -16.83 4.59 7.19
CA VAL A 379 -17.72 5.73 7.00
C VAL A 379 -18.39 6.17 8.32
N THR A 380 -18.41 5.29 9.31
CA THR A 380 -18.85 5.64 10.67
C THR A 380 -17.69 5.96 11.61
N TYR A 381 -16.48 6.06 11.06
CA TYR A 381 -15.30 6.36 11.87
C TYR A 381 -15.08 5.37 13.01
N GLY A 382 -15.28 4.07 12.75
CA GLY A 382 -14.93 3.06 13.73
C GLY A 382 -16.05 2.65 14.66
N ARG A 383 -17.29 2.90 14.28
CA ARG A 383 -18.41 2.40 15.06
C ARG A 383 -18.48 0.88 14.99
N ILE A 384 -18.91 0.24 16.08
CA ILE A 384 -19.15 -1.20 16.07
C ILE A 384 -20.18 -1.57 14.99
N PRO A 385 -19.96 -2.67 14.25
CA PRO A 385 -21.01 -3.12 13.34
C PRO A 385 -22.32 -3.45 14.07
N TYR A 386 -23.44 -3.28 13.39
CA TYR A 386 -24.75 -3.64 13.95
C TYR A 386 -24.97 -3.06 15.34
N PRO A 387 -24.95 -1.72 15.47
CA PRO A 387 -25.11 -1.15 16.82
C PRO A 387 -26.45 -1.57 17.43
N GLY A 388 -26.47 -1.84 18.73
CA GLY A 388 -27.69 -2.22 19.40
C GLY A 388 -28.03 -3.70 19.29
N MET A 389 -27.22 -4.46 18.56
CA MET A 389 -27.53 -5.89 18.36
C MET A 389 -26.51 -6.84 18.97
N SER A 390 -27.02 -7.95 19.50
CA SER A 390 -26.19 -9.06 19.95
C SER A 390 -25.76 -9.91 18.76
N ASN A 391 -24.80 -10.80 19.00
CA ASN A 391 -24.35 -11.71 17.95
C ASN A 391 -25.45 -12.64 17.43
N PRO A 392 -26.22 -13.28 18.34
CA PRO A 392 -27.28 -14.13 17.75
C PRO A 392 -28.29 -13.30 16.98
N GLU A 393 -28.56 -12.08 17.44
CA GLU A 393 -29.50 -11.21 16.72
C GLU A 393 -28.99 -10.84 15.33
N VAL A 394 -27.70 -10.57 15.21
CA VAL A 394 -27.13 -10.29 13.89
C VAL A 394 -27.30 -11.47 12.95
N ILE A 395 -26.90 -12.65 13.41
CA ILE A 395 -27.02 -13.85 12.57
C ILE A 395 -28.46 -14.12 12.10
N ARG A 396 -29.42 -14.03 13.00
CA ARG A 396 -30.79 -14.31 12.61
C ARG A 396 -31.39 -13.20 11.74
N ALA A 397 -31.01 -11.96 11.99
CA ALA A 397 -31.49 -10.85 11.17
C ALA A 397 -30.94 -11.00 9.74
N LEU A 398 -29.65 -11.31 9.64
CA LEU A 398 -29.04 -11.48 8.33
C LEU A 398 -29.71 -12.60 7.54
N GLU A 399 -30.14 -13.64 8.22
CA GLU A 399 -30.81 -14.76 7.55
C GLU A 399 -32.14 -14.33 6.93
N ARG A 400 -32.75 -13.26 7.48
CA ARG A 400 -34.02 -12.73 6.99
C ARG A 400 -33.87 -11.48 6.12
N GLY A 401 -32.67 -11.25 5.60
CA GLY A 401 -32.48 -10.19 4.63
C GLY A 401 -32.19 -8.81 5.23
N TYR A 402 -32.18 -8.73 6.57
CA TYR A 402 -31.74 -7.51 7.23
C TYR A 402 -30.30 -7.21 6.83
N ARG A 403 -29.99 -5.94 6.59
CA ARG A 403 -28.62 -5.47 6.42
C ARG A 403 -28.51 -4.13 7.12
N MET A 404 -27.32 -3.76 7.57
CA MET A 404 -27.15 -2.45 8.20
C MET A 404 -27.66 -1.39 7.26
N PRO A 405 -28.51 -0.48 7.77
CA PRO A 405 -29.00 0.63 6.96
C PRO A 405 -27.92 1.68 6.70
N ARG A 406 -28.10 2.45 5.65
CA ARG A 406 -27.13 3.47 5.30
C ARG A 406 -27.04 4.54 6.37
N PRO A 407 -25.81 4.85 6.83
CA PRO A 407 -25.68 5.89 7.85
C PRO A 407 -25.66 7.30 7.24
N GLU A 408 -25.76 8.32 8.09
CA GLU A 408 -25.56 9.69 7.66
C GLU A 408 -24.16 9.80 7.08
N ASN A 409 -24.00 10.73 6.14
CA ASN A 409 -22.69 11.03 5.57
C ASN A 409 -22.09 9.81 4.87
N CYS A 410 -22.97 9.03 4.24
CA CYS A 410 -22.53 7.90 3.40
C CYS A 410 -23.13 8.03 2.01
N PRO A 411 -22.28 8.25 0.99
CA PRO A 411 -22.76 8.35 -0.40
C PRO A 411 -23.47 7.08 -0.80
N GLU A 412 -24.54 7.22 -1.58
CA GLU A 412 -25.39 6.10 -1.91
C GLU A 412 -24.63 5.01 -2.66
N GLU A 413 -23.67 5.41 -3.48
CA GLU A 413 -22.91 4.43 -4.27
C GLU A 413 -21.99 3.61 -3.36
N LEU A 414 -21.47 4.24 -2.30
CA LEU A 414 -20.69 3.49 -1.32
C LEU A 414 -21.59 2.48 -0.64
N TYR A 415 -22.79 2.88 -0.23
CA TYR A 415 -23.72 1.93 0.38
C TYR A 415 -24.05 0.76 -0.58
N ASN A 416 -24.25 1.09 -1.86
CA ASN A 416 -24.60 0.08 -2.85
C ASN A 416 -23.51 -0.98 -2.94
N ILE A 417 -22.27 -0.54 -2.83
CA ILE A 417 -21.13 -1.45 -2.86
C ILE A 417 -21.15 -2.39 -1.64
N MET A 418 -21.42 -1.84 -0.47
CA MET A 418 -21.61 -2.66 0.74
C MET A 418 -22.69 -3.74 0.55
N MET A 419 -23.83 -3.35 -0.03
CA MET A 419 -24.96 -4.26 -0.15
C MET A 419 -24.60 -5.41 -1.10
N ARG A 420 -23.81 -5.09 -2.12
CA ARG A 420 -23.32 -6.08 -3.05
C ARG A 420 -22.41 -7.07 -2.34
N CYS A 421 -21.56 -6.54 -1.46
CA CYS A 421 -20.67 -7.38 -0.67
C CYS A 421 -21.44 -8.31 0.27
N TRP A 422 -22.64 -7.88 0.67
CA TRP A 422 -23.41 -8.62 1.68
C TRP A 422 -24.49 -9.52 1.06
N LYS A 423 -24.26 -10.01 -0.15
CA LYS A 423 -25.11 -11.08 -0.70
C LYS A 423 -24.93 -12.34 0.12
N ASN A 424 -26.03 -13.02 0.49
CA ASN A 424 -25.89 -14.27 1.27
C ASN A 424 -25.16 -15.36 0.47
N ARG A 425 -25.45 -15.44 -0.82
CA ARG A 425 -24.74 -16.37 -1.69
C ARG A 425 -23.42 -15.77 -2.16
N PRO A 426 -22.31 -16.46 -1.85
CA PRO A 426 -20.99 -15.87 -2.11
C PRO A 426 -20.73 -15.62 -3.59
N GLU A 427 -21.25 -16.48 -4.47
CA GLU A 427 -20.98 -16.34 -5.89
C GLU A 427 -21.60 -15.06 -6.42
N GLU A 428 -22.59 -14.52 -5.72
CA GLU A 428 -23.21 -13.28 -6.13
C GLU A 428 -22.48 -12.00 -5.67
N ARG A 429 -21.48 -12.13 -4.81
CA ARG A 429 -20.70 -10.97 -4.35
C ARG A 429 -19.71 -10.54 -5.43
N PRO A 430 -19.43 -9.23 -5.52
CA PRO A 430 -18.51 -8.79 -6.58
C PRO A 430 -17.06 -9.25 -6.35
N THR A 431 -16.20 -9.05 -7.35
CA THR A 431 -14.75 -9.27 -7.19
C THR A 431 -14.10 -8.05 -6.57
N PHE A 432 -12.94 -8.21 -5.96
CA PHE A 432 -12.19 -7.05 -5.49
C PHE A 432 -11.67 -6.25 -6.68
N GLU A 433 -11.41 -6.92 -7.81
CA GLU A 433 -11.09 -6.21 -9.04
C GLU A 433 -12.21 -5.23 -9.41
N TYR A 434 -13.47 -5.66 -9.31
CA TYR A 434 -14.59 -4.74 -9.55
C TYR A 434 -14.64 -3.62 -8.50
N ILE A 435 -14.57 -4.00 -7.23
CA ILE A 435 -14.64 -3.06 -6.14
C ILE A 435 -13.55 -2.00 -6.28
N GLN A 436 -12.34 -2.44 -6.57
CA GLN A 436 -11.22 -1.56 -6.87
C GLN A 436 -11.58 -0.48 -7.90
N SER A 437 -12.13 -0.92 -9.01
CA SER A 437 -12.37 -0.01 -10.12
C SER A 437 -13.43 1.03 -9.77
N VAL A 438 -14.51 0.58 -9.14
CA VAL A 438 -15.54 1.52 -8.72
C VAL A 438 -15.00 2.51 -7.68
N LEU A 439 -14.18 2.06 -6.72
CA LEU A 439 -13.72 2.99 -5.67
C LEU A 439 -12.62 3.92 -6.17
N ASP A 440 -11.74 3.40 -7.04
CA ASP A 440 -10.67 4.21 -7.64
C ASP A 440 -11.24 5.38 -8.44
N ASP A 441 -12.38 5.16 -9.09
CA ASP A 441 -13.00 6.14 -9.97
C ASP A 441 -14.27 6.75 -9.37
N PHE A 442 -14.33 6.79 -8.04
CA PHE A 442 -15.55 7.14 -7.36
C PHE A 442 -16.05 8.54 -7.73
N TYR A 443 -15.15 9.51 -7.74
CA TYR A 443 -15.50 10.90 -8.02
C TYR A 443 -15.23 11.31 -9.47
N THR A 444 -14.60 10.41 -10.22
CA THR A 444 -14.20 10.69 -11.60
C THR A 444 -14.85 9.73 -12.59
N ALA A 445 -16.07 9.29 -12.28
CA ALA A 445 -16.77 8.30 -13.09
C ALA A 445 -17.21 8.89 -14.44
N THR A 446 -17.85 10.05 -14.39
CA THR A 446 -18.30 10.74 -15.59
C THR A 446 -17.24 11.73 -16.09
N GLU A 447 -15.99 11.28 -16.12
CA GLU A 447 -14.86 12.09 -16.58
C GLU A 447 -13.95 11.26 -17.46
N SER A 448 -13.23 11.90 -18.37
CA SER A 448 -12.30 11.18 -19.25
C SER A 448 -10.98 10.93 -18.53
N GLN A 449 -10.24 9.92 -18.97
CA GLN A 449 -8.95 9.64 -18.36
C GLN A 449 -7.97 10.80 -18.54
N GLU A 451 -6.81 14.66 -20.55
CA GLU A 451 -7.36 15.89 -21.13
C GLU A 451 -6.93 16.03 -22.58
N GLU A 452 -7.89 16.34 -23.44
CA GLU A 452 -7.61 16.60 -24.85
C GLU A 452 -7.24 18.07 -25.05
N ILE A 453 -5.96 18.36 -25.11
CA ILE A 453 -5.49 19.74 -25.30
C ILE A 453 -5.38 20.09 -26.78
N PRO A 454 -5.99 21.21 -27.19
CA PRO A 454 -5.96 21.64 -28.59
C PRO A 454 -4.54 21.90 -29.12
#